data_8ZSZ
#
_entry.id   8ZSZ
#
_cell.length_a   1.00
_cell.length_b   1.00
_cell.length_c   1.00
_cell.angle_alpha   90.00
_cell.angle_beta   90.00
_cell.angle_gamma   90.00
#
_symmetry.space_group_name_H-M   'P 1'
#
loop_
_entity.id
_entity.type
_entity.pdbx_description
1 polymer 'Proton-coupled zinc antiporter SLC30A1'
2 non-polymer 'ZINC ION'
#
_entity_poly.entity_id   1
_entity_poly.type   'polypeptide(L)'
_entity_poly.pdbx_seq_one_letter_code
;MGCWGRNRGRLLCMLALTFMFMVLEVVVSRVTSSLAMLSDSFHMLSDVLALVVALVAERFARRTHATQKNTFGWIRAEVM
GALVNAIFLTGLCFAILLEAIERFIEPHEMQQPLVVLGVGVAGLLVNVLGLCLFHHHSGFSQDSGHGHSHGGHGHGHGLP
KGPRVKSTRPGSSDINVAPGEQGPDQEETNTLVANTSNSNGLKLDPADPENPRSGDTVEVQVNGNLVREPDHMELEEDRA
GQLNMRGVFLHVLGDALGSVIVVVNALVFYFSWKGCSEGDFCVNPCFPDPCKAFVEIINSTHASVYEAGPCWVLYLDPTL
CVVMVCILLYTTYPLLKESALILLQTVPKQIDIRNLIKELRNVEGVEEVHELHVWQLAGSRIIATAHIKCEDPTSYMEVA
KTIKDVFHNHGIHATTIQPEFASVGSKSSVVPCELACRTQCALKQCCGTLPQAPSGKDAEKTPAVSISCLELSNNLEKKP
RRTKAENIPAVVIEIKNMPNKQPESSL
;
_entity_poly.pdbx_strand_id   A,B
#
loop_
_chem_comp.id
_chem_comp.type
_chem_comp.name
_chem_comp.formula
ZN non-polymer 'ZINC ION' 'Zn 2'
#
# COMPACT_ATOMS: atom_id res chain seq x y z
N GLY A 5 -24.65 -1.78 6.66
CA GLY A 5 -25.74 -1.94 5.72
C GLY A 5 -25.72 -0.93 4.58
N ARG A 6 -25.76 0.35 4.94
CA ARG A 6 -25.72 1.40 3.93
C ARG A 6 -24.38 1.42 3.20
N ASN A 7 -23.29 1.28 3.95
CA ASN A 7 -21.96 1.33 3.36
C ASN A 7 -21.71 0.16 2.40
N ARG A 8 -22.07 -1.05 2.81
CA ARG A 8 -21.90 -2.20 1.93
C ARG A 8 -22.81 -2.08 0.71
N GLY A 9 -23.99 -1.53 0.88
CA GLY A 9 -24.87 -1.30 -0.25
C GLY A 9 -24.28 -0.33 -1.26
N ARG A 10 -23.73 0.79 -0.78
CA ARG A 10 -23.11 1.75 -1.68
C ARG A 10 -21.94 1.14 -2.43
N LEU A 11 -21.07 0.41 -1.71
CA LEU A 11 -19.92 -0.19 -2.37
C LEU A 11 -20.32 -1.23 -3.40
N LEU A 12 -21.30 -2.09 -3.06
CA LEU A 12 -21.75 -3.09 -4.02
C LEU A 12 -22.42 -2.44 -5.23
N CYS A 13 -23.20 -1.39 -5.01
CA CYS A 13 -23.82 -0.70 -6.14
C CYS A 13 -22.78 -0.11 -7.08
N MET A 14 -21.78 0.58 -6.53
CA MET A 14 -20.73 1.15 -7.39
C MET A 14 -19.91 0.07 -8.09
N LEU A 15 -19.61 -1.04 -7.42
CA LEU A 15 -18.90 -2.12 -8.11
C LEU A 15 -19.72 -2.67 -9.27
N ALA A 16 -21.03 -2.85 -9.05
CA ALA A 16 -21.90 -3.36 -10.10
C ALA A 16 -21.99 -2.38 -11.27
N LEU A 17 -22.21 -1.10 -10.98
CA LEU A 17 -22.22 -0.07 -12.02
C LEU A 17 -20.88 -0.01 -12.74
N THR A 18 -19.78 -0.27 -12.04
CA THR A 18 -18.47 -0.23 -12.66
C THR A 18 -18.32 -1.37 -13.65
N PHE A 19 -18.80 -2.55 -13.29
CA PHE A 19 -18.82 -3.65 -14.25
C PHE A 19 -19.70 -3.30 -15.45
N MET A 20 -20.85 -2.65 -15.22
CA MET A 20 -21.71 -2.26 -16.35
C MET A 20 -21.01 -1.29 -17.28
N PHE A 21 -20.28 -0.33 -16.74
CA PHE A 21 -19.59 0.63 -17.62
C PHE A 21 -18.39 -0.05 -18.28
N MET A 22 -17.80 -1.06 -17.64
CA MET A 22 -16.80 -1.86 -18.32
C MET A 22 -17.37 -2.58 -19.53
N VAL A 23 -18.53 -3.21 -19.37
CA VAL A 23 -19.15 -3.89 -20.51
C VAL A 23 -19.52 -2.88 -21.59
N LEU A 24 -20.01 -1.70 -21.19
CA LEU A 24 -20.33 -0.68 -22.19
C LEU A 24 -19.09 -0.27 -22.98
N GLU A 25 -17.97 -0.05 -22.30
CA GLU A 25 -16.74 0.28 -23.02
C GLU A 25 -16.31 -0.84 -23.96
N VAL A 26 -16.37 -2.09 -23.51
CA VAL A 26 -15.92 -3.19 -24.37
C VAL A 26 -16.80 -3.28 -25.61
N VAL A 27 -18.12 -3.20 -25.45
CA VAL A 27 -19.00 -3.32 -26.61
C VAL A 27 -18.84 -2.12 -27.54
N VAL A 28 -18.64 -0.92 -26.99
CA VAL A 28 -18.43 0.25 -27.83
C VAL A 28 -17.14 0.10 -28.63
N SER A 29 -16.08 -0.38 -27.99
CA SER A 29 -14.84 -0.67 -28.71
C SER A 29 -15.08 -1.71 -29.79
N ARG A 30 -15.92 -2.70 -29.50
CA ARG A 30 -16.19 -3.75 -30.48
C ARG A 30 -16.89 -3.19 -31.70
N VAL A 31 -17.87 -2.31 -31.49
CA VAL A 31 -18.59 -1.71 -32.62
C VAL A 31 -17.67 -0.77 -33.38
N THR A 32 -16.84 -0.02 -32.66
CA THR A 32 -15.98 0.98 -33.28
C THR A 32 -14.67 0.40 -33.78
N SER A 33 -14.33 -0.83 -33.35
CA SER A 33 -13.05 -1.47 -33.69
C SER A 33 -11.86 -0.63 -33.22
N SER A 34 -11.90 -0.27 -31.94
CA SER A 34 -10.83 0.48 -31.28
C SER A 34 -10.32 -0.29 -30.07
N LEU A 35 -9.09 0.02 -29.68
CA LEU A 35 -8.44 -0.78 -28.64
C LEU A 35 -8.09 0.06 -27.42
N ALA A 36 -7.85 1.35 -27.62
CA ALA A 36 -7.61 2.23 -26.47
C ALA A 36 -8.82 2.30 -25.55
N MET A 37 -10.02 2.09 -26.10
CA MET A 37 -11.21 1.98 -25.27
C MET A 37 -11.11 0.76 -24.36
N LEU A 38 -10.49 -0.25 -24.93
CA LEU A 38 -10.23 -1.42 -24.16
C LEU A 38 -9.19 -1.04 -23.10
N SER A 39 -8.38 -0.06 -23.41
CA SER A 39 -7.45 0.35 -22.39
C SER A 39 -8.24 0.99 -21.24
N ASP A 40 -9.28 1.70 -21.63
CA ASP A 40 -10.13 2.27 -20.59
C ASP A 40 -10.87 1.15 -19.85
N SER A 41 -11.17 0.08 -20.54
CA SER A 41 -11.76 -1.03 -19.84
C SER A 41 -10.78 -1.51 -18.79
N PHE A 42 -9.53 -1.23 -18.93
CA PHE A 42 -8.72 -1.74 -17.86
C PHE A 42 -8.47 -0.81 -16.66
N HIS A 43 -8.64 0.43 -16.89
CA HIS A 43 -8.45 1.23 -15.73
C HIS A 43 -9.56 0.78 -14.90
N MET A 44 -10.42 0.10 -15.57
CA MET A 44 -11.52 -0.22 -14.75
C MET A 44 -11.12 -1.37 -13.89
N LEU A 45 -10.18 -2.14 -14.27
CA LEU A 45 -9.94 -3.20 -13.37
C LEU A 45 -9.50 -2.55 -12.11
N SER A 46 -8.71 -1.49 -12.13
CA SER A 46 -8.33 -0.74 -10.92
C SER A 46 -9.41 -0.11 -10.13
N ASP A 47 -10.36 0.52 -10.76
CA ASP A 47 -11.41 1.00 -9.89
C ASP A 47 -12.08 -0.20 -9.25
N VAL A 48 -12.31 -1.28 -9.94
CA VAL A 48 -12.92 -2.41 -9.28
C VAL A 48 -12.09 -2.92 -8.17
N LEU A 49 -10.77 -2.97 -8.28
CA LEU A 49 -9.90 -3.39 -7.20
C LEU A 49 -10.01 -2.46 -6.04
N ALA A 50 -10.05 -1.18 -6.19
CA ALA A 50 -10.24 -0.43 -4.95
C ALA A 50 -11.51 -0.75 -4.39
N LEU A 51 -12.51 -0.84 -5.18
CA LEU A 51 -13.77 -1.09 -4.50
C LEU A 51 -13.77 -2.44 -3.75
N VAL A 52 -13.24 -3.50 -4.28
CA VAL A 52 -13.17 -4.73 -3.51
C VAL A 52 -12.32 -4.58 -2.29
N VAL A 53 -11.14 -3.96 -2.31
CA VAL A 53 -10.34 -3.89 -1.06
C VAL A 53 -10.93 -2.90 -0.10
N ALA A 54 -11.94 -2.15 -0.51
CA ALA A 54 -12.49 -1.26 0.47
C ALA A 54 -13.47 -2.04 1.08
N LEU A 55 -14.06 -2.95 0.34
CA LEU A 55 -15.02 -3.89 0.97
C LEU A 55 -14.53 -4.99 1.89
N VAL A 56 -13.52 -5.72 1.50
CA VAL A 56 -13.23 -6.81 2.34
C VAL A 56 -12.99 -6.06 3.53
N ALA A 57 -12.64 -4.85 3.43
CA ALA A 57 -12.46 -4.14 4.69
C ALA A 57 -13.78 -4.04 5.44
N GLU A 58 -14.85 -3.70 4.73
CA GLU A 58 -16.15 -3.54 5.38
C GLU A 58 -16.59 -4.87 5.98
N ARG A 59 -16.38 -5.96 5.25
CA ARG A 59 -16.78 -7.24 5.78
C ARG A 59 -15.99 -7.54 7.03
N PHE A 60 -14.79 -7.15 7.12
CA PHE A 60 -14.19 -7.57 8.27
C PHE A 60 -14.41 -6.64 9.34
N ALA A 61 -14.66 -5.40 9.15
CA ALA A 61 -14.70 -4.56 10.31
C ALA A 61 -15.81 -4.77 11.17
N ARG A 62 -16.71 -5.58 10.76
CA ARG A 62 -17.87 -5.74 11.57
C ARG A 62 -17.76 -6.90 12.48
N ARG A 63 -16.73 -7.67 12.32
CA ARG A 63 -16.53 -8.77 13.19
C ARG A 63 -15.82 -8.24 14.38
N THR A 64 -16.39 -7.30 15.09
CA THR A 64 -15.76 -6.72 16.20
C THR A 64 -16.00 -7.61 17.33
N HIS A 65 -15.42 -8.78 17.34
CA HIS A 65 -15.82 -9.63 18.44
C HIS A 65 -14.93 -10.67 19.11
N ALA A 66 -13.88 -10.29 19.74
CA ALA A 66 -13.14 -11.23 20.55
C ALA A 66 -12.76 -12.54 19.99
N THR A 67 -12.31 -12.61 18.80
CA THR A 67 -12.00 -13.88 18.32
C THR A 67 -10.75 -14.35 18.95
N GLN A 68 -10.39 -15.58 18.72
CA GLN A 68 -9.17 -16.11 19.25
C GLN A 68 -8.07 -16.15 18.25
N LYS A 69 -8.21 -15.46 17.15
CA LYS A 69 -7.13 -15.33 16.24
C LYS A 69 -6.95 -13.91 16.32
N ASN A 70 -7.94 -13.19 16.74
CA ASN A 70 -7.58 -11.80 17.03
C ASN A 70 -8.38 -11.37 18.24
N THR A 71 -7.70 -11.16 19.36
CA THR A 71 -8.37 -10.81 20.61
C THR A 71 -8.95 -9.42 20.60
N PHE A 72 -8.64 -8.56 19.63
CA PHE A 72 -9.21 -7.22 19.60
C PHE A 72 -10.40 -7.13 18.66
N GLY A 73 -10.41 -7.96 17.62
CA GLY A 73 -11.43 -7.86 16.61
C GLY A 73 -10.84 -7.52 15.26
N TRP A 74 -11.58 -6.80 14.41
CA TRP A 74 -11.04 -6.43 13.10
C TRP A 74 -11.40 -5.01 12.67
N ILE A 75 -11.55 -4.09 13.62
CA ILE A 75 -11.77 -2.70 13.21
C ILE A 75 -10.50 -2.15 12.57
N ARG A 76 -9.35 -2.55 13.11
CA ARG A 76 -8.09 -2.22 12.50
C ARG A 76 -8.02 -2.74 11.08
N ALA A 77 -8.73 -3.83 10.76
CA ALA A 77 -8.78 -4.26 9.39
C ALA A 77 -9.39 -3.19 8.49
N GLU A 78 -10.49 -2.56 8.93
CA GLU A 78 -11.03 -1.42 8.18
C GLU A 78 -10.04 -0.27 8.04
N VAL A 79 -9.35 0.10 9.13
CA VAL A 79 -8.36 1.17 8.94
C VAL A 79 -7.32 0.77 7.90
N MET A 80 -6.81 -0.47 7.97
CA MET A 80 -5.82 -0.92 7.00
C MET A 80 -6.40 -0.90 5.60
N GLY A 81 -7.67 -1.24 5.44
CA GLY A 81 -8.29 -1.13 4.12
C GLY A 81 -8.19 0.28 3.59
N ALA A 82 -8.53 1.26 4.43
CA ALA A 82 -8.35 2.65 4.04
C ALA A 82 -6.92 2.91 3.61
N LEU A 83 -5.96 2.47 4.45
CA LEU A 83 -4.55 2.69 4.17
C LEU A 83 -4.16 2.13 2.80
N VAL A 84 -4.54 0.88 2.54
CA VAL A 84 -4.09 0.24 1.31
C VAL A 84 -4.74 0.92 0.12
N ASN A 85 -6.00 1.37 0.27
CA ASN A 85 -6.62 2.13 -0.81
C ASN A 85 -5.80 3.39 -1.10
N ALA A 86 -5.41 4.12 -0.05
CA ALA A 86 -4.60 5.31 -0.24
C ALA A 86 -3.29 4.98 -0.96
N ILE A 87 -2.60 3.92 -0.52
CA ILE A 87 -1.33 3.54 -1.14
C ILE A 87 -1.53 3.15 -2.60
N PHE A 88 -2.62 2.45 -2.89
CA PHE A 88 -2.92 2.07 -4.27
C PHE A 88 -3.14 3.32 -5.11
N LEU A 89 -3.89 4.29 -4.58
CA LEU A 89 -4.14 5.51 -5.33
C LEU A 89 -2.84 6.27 -5.57
N THR A 90 -1.97 6.33 -4.55
CA THR A 90 -0.67 7.00 -4.71
C THR A 90 0.20 6.32 -5.77
N GLY A 91 0.18 4.99 -5.81
CA GLY A 91 0.89 4.28 -6.85
C GLY A 91 0.33 4.54 -8.23
N LEU A 92 -1.00 4.54 -8.36
CA LEU A 92 -1.62 4.87 -9.63
C LEU A 92 -1.32 6.31 -10.03
N CYS A 93 -1.25 7.21 -9.05
CA CYS A 93 -0.89 8.59 -9.35
C CYS A 93 0.52 8.70 -9.88
N PHE A 94 1.47 7.98 -9.28
CA PHE A 94 2.83 8.01 -9.79
C PHE A 94 2.92 7.43 -11.19
N ALA A 95 2.22 6.32 -11.43
CA ALA A 95 2.22 5.73 -12.77
C ALA A 95 1.57 6.65 -13.79
N ILE A 96 0.51 7.36 -13.39
CA ILE A 96 -0.11 8.34 -14.26
C ILE A 96 0.84 9.48 -14.55
N LEU A 97 1.58 9.95 -13.54
CA LEU A 97 2.52 11.04 -13.78
C LEU A 97 3.61 10.60 -14.75
N LEU A 98 4.03 9.33 -14.64
CA LEU A 98 5.12 8.89 -15.51
C LEU A 98 4.61 8.64 -16.92
N GLU A 99 3.33 8.32 -17.05
CA GLU A 99 2.73 8.25 -18.37
C GLU A 99 2.56 9.64 -18.96
N ALA A 100 2.19 10.62 -18.14
CA ALA A 100 2.07 11.98 -18.61
C ALA A 100 3.41 12.47 -19.14
N ILE A 101 4.48 12.20 -18.40
CA ILE A 101 5.82 12.59 -18.88
C ILE A 101 6.15 11.85 -20.17
N GLU A 102 5.84 10.56 -20.24
CA GLU A 102 6.13 9.78 -21.44
C GLU A 102 5.35 10.29 -22.65
N ARG A 103 4.19 10.91 -22.41
CA ARG A 103 3.43 11.49 -23.51
C ARG A 103 3.88 12.91 -23.80
N PHE A 104 4.50 13.57 -22.83
CA PHE A 104 5.12 14.86 -23.08
C PHE A 104 6.32 14.69 -24.00
N ILE A 105 7.16 13.69 -23.74
CA ILE A 105 8.34 13.46 -24.56
C ILE A 105 7.96 12.85 -25.90
N GLU A 106 6.96 11.95 -25.89
CA GLU A 106 6.40 11.36 -27.11
C GLU A 106 4.93 11.73 -27.22
N PRO A 107 4.59 12.72 -28.02
CA PRO A 107 3.18 13.07 -28.20
C PRO A 107 2.44 11.91 -28.87
N HIS A 108 1.17 11.75 -28.50
CA HIS A 108 0.33 10.68 -29.01
C HIS A 108 -0.93 11.29 -29.62
N GLU A 109 -1.26 10.86 -30.83
CA GLU A 109 -2.48 11.31 -31.49
C GLU A 109 -3.49 10.17 -31.50
N MET A 110 -4.75 10.50 -31.20
CA MET A 110 -5.83 9.52 -31.15
C MET A 110 -6.74 9.64 -32.36
N GLN A 111 -7.58 8.62 -32.53
CA GLN A 111 -8.53 8.52 -33.62
C GLN A 111 -9.94 8.36 -33.07
N GLN A 112 -10.93 8.69 -33.90
CA GLN A 112 -12.33 8.64 -33.55
C GLN A 112 -12.62 9.52 -32.33
N PRO A 113 -12.51 10.84 -32.47
CA PRO A 113 -12.74 11.73 -31.32
C PRO A 113 -14.15 11.62 -30.73
N LEU A 114 -15.16 11.34 -31.55
CA LEU A 114 -16.53 11.36 -31.06
C LEU A 114 -16.80 10.25 -30.05
N VAL A 115 -16.35 9.03 -30.33
CA VAL A 115 -16.59 7.94 -29.38
C VAL A 115 -15.80 8.16 -28.11
N VAL A 116 -14.60 8.73 -28.22
CA VAL A 116 -13.82 9.07 -27.03
C VAL A 116 -14.54 10.11 -26.20
N LEU A 117 -15.12 11.12 -26.86
CA LEU A 117 -15.87 12.14 -26.13
C LEU A 117 -17.09 11.53 -25.44
N GLY A 118 -17.80 10.64 -26.13
CA GLY A 118 -18.97 10.03 -25.51
C GLY A 118 -18.61 9.16 -24.31
N VAL A 119 -17.57 8.35 -24.44
CA VAL A 119 -17.17 7.54 -23.29
C VAL A 119 -16.67 8.44 -22.16
N GLY A 120 -15.97 9.54 -22.48
CA GLY A 120 -15.54 10.45 -21.44
C GLY A 120 -16.69 11.15 -20.71
N VAL A 121 -17.72 11.56 -21.45
CA VAL A 121 -18.88 12.17 -20.79
C VAL A 121 -19.59 11.15 -19.91
N ALA A 122 -19.73 9.91 -20.40
CA ALA A 122 -20.35 8.88 -19.58
C ALA A 122 -19.54 8.62 -18.32
N GLY A 123 -18.22 8.54 -18.43
CA GLY A 123 -17.38 8.35 -17.26
C GLY A 123 -17.44 9.53 -16.31
N LEU A 124 -17.56 10.74 -16.84
CA LEU A 124 -17.72 11.91 -15.99
C LEU A 124 -19.02 11.83 -15.21
N LEU A 125 -20.10 11.42 -15.87
CA LEU A 125 -21.37 11.27 -15.18
C LEU A 125 -21.29 10.21 -14.09
N VAL A 126 -20.65 9.07 -14.40
CA VAL A 126 -20.51 8.00 -13.40
C VAL A 126 -19.71 8.48 -12.21
N ASN A 127 -18.61 9.18 -12.47
CA ASN A 127 -17.76 9.66 -11.38
C ASN A 127 -18.43 10.76 -10.57
N VAL A 128 -19.25 11.61 -11.19
CA VAL A 128 -19.97 12.61 -10.42
C VAL A 128 -21.01 11.94 -9.54
N LEU A 129 -21.66 10.91 -10.06
CA LEU A 129 -22.57 10.13 -9.21
C LEU A 129 -21.84 9.53 -8.02
N GLY A 130 -20.67 8.94 -8.26
CA GLY A 130 -19.93 8.40 -7.13
C GLY A 130 -19.48 9.43 -6.11
N LEU A 131 -19.00 10.59 -6.58
CA LEU A 131 -18.62 11.63 -5.62
C LEU A 131 -19.79 12.17 -4.82
N CYS A 132 -20.95 12.40 -5.46
CA CYS A 132 -22.09 12.83 -4.66
C CYS A 132 -22.54 11.76 -3.67
N LEU A 133 -22.53 10.48 -4.08
CA LEU A 133 -22.86 9.40 -3.16
C LEU A 133 -21.89 9.24 -1.99
N PHE A 134 -20.58 9.40 -2.23
CA PHE A 134 -19.56 9.09 -1.23
C PHE A 134 -19.14 10.30 -0.42
N HIS A 135 -19.92 11.37 -0.41
CA HIS A 135 -19.56 12.56 0.36
C HIS A 135 -19.56 12.28 1.85
N HIS A 146 -12.34 -5.29 20.43
CA HIS A 146 -12.91 -5.20 21.73
C HIS A 146 -12.03 -4.14 22.42
N GLY A 147 -12.16 -2.92 21.94
CA GLY A 147 -11.46 -1.84 22.57
C GLY A 147 -12.43 -1.38 23.60
N HIS A 148 -13.64 -1.90 23.58
CA HIS A 148 -14.61 -1.60 24.62
C HIS A 148 -14.66 -0.11 24.69
N SER A 149 -14.52 0.59 23.57
CA SER A 149 -14.47 2.03 23.65
C SER A 149 -15.60 2.76 23.02
N HIS A 150 -16.08 2.26 21.90
CA HIS A 150 -17.10 2.97 21.20
C HIS A 150 -18.22 3.01 22.18
N GLY A 151 -18.38 1.95 22.96
CA GLY A 151 -19.51 1.88 23.85
C GLY A 151 -19.29 1.59 25.30
N GLY A 152 -20.37 1.69 26.04
CA GLY A 152 -20.31 1.40 27.45
C GLY A 152 -19.83 2.66 28.07
N HIS A 153 -20.28 3.01 29.25
CA HIS A 153 -19.65 4.20 29.79
C HIS A 153 -18.19 3.75 29.88
N GLY A 154 -17.98 2.47 30.19
CA GLY A 154 -16.62 1.97 30.22
C GLY A 154 -16.15 1.94 31.63
N HIS A 155 -16.79 2.68 32.52
CA HIS A 155 -16.43 2.56 33.93
C HIS A 155 -16.64 1.11 34.27
N GLY A 156 -15.67 0.49 34.94
CA GLY A 156 -15.76 -0.94 35.18
C GLY A 156 -14.99 -1.43 36.38
N HIS A 157 -15.46 -2.53 36.98
CA HIS A 157 -14.81 -3.08 38.15
C HIS A 157 -13.31 -2.91 37.99
N ASP A 238 -16.41 5.19 15.40
CA ASP A 238 -17.04 5.05 14.10
C ASP A 238 -16.16 5.65 13.00
N ARG A 239 -15.08 6.31 13.42
CA ARG A 239 -14.13 6.98 12.53
C ARG A 239 -13.67 6.09 11.38
N ALA A 240 -13.39 4.81 11.63
CA ALA A 240 -12.90 3.93 10.59
C ALA A 240 -13.81 3.96 9.37
N GLY A 241 -15.13 4.01 9.56
CA GLY A 241 -16.02 4.09 8.42
C GLY A 241 -15.74 5.31 7.58
N GLN A 242 -15.50 6.44 8.24
CA GLN A 242 -15.13 7.66 7.52
C GLN A 242 -13.81 7.49 6.78
N LEU A 243 -12.81 6.86 7.41
CA LEU A 243 -11.53 6.71 6.73
C LEU A 243 -11.66 5.83 5.49
N ASN A 244 -12.40 4.73 5.62
CA ASN A 244 -12.57 3.81 4.49
C ASN A 244 -13.33 4.48 3.36
N MET A 245 -14.34 5.27 3.69
CA MET A 245 -15.08 5.94 2.63
C MET A 245 -14.29 7.10 2.05
N ARG A 246 -13.50 7.80 2.86
CA ARG A 246 -12.66 8.84 2.26
C ARG A 246 -11.64 8.22 1.31
N GLY A 247 -11.13 7.02 1.62
CA GLY A 247 -10.26 6.33 0.68
C GLY A 247 -10.95 6.06 -0.65
N VAL A 248 -12.16 5.51 -0.58
CA VAL A 248 -12.91 5.22 -1.81
C VAL A 248 -13.28 6.52 -2.52
N PHE A 249 -13.59 7.56 -1.76
CA PHE A 249 -13.93 8.86 -2.31
C PHE A 249 -12.74 9.44 -3.06
N LEU A 250 -11.53 9.26 -2.53
CA LEU A 250 -10.36 9.76 -3.25
C LEU A 250 -10.12 8.99 -4.53
N HIS A 251 -10.40 7.73 -4.59
CA HIS A 251 -10.16 7.08 -5.83
C HIS A 251 -11.18 7.67 -6.72
N VAL A 252 -12.46 7.64 -6.39
CA VAL A 252 -13.51 8.11 -7.29
C VAL A 252 -13.21 9.52 -7.77
N LEU A 253 -12.70 10.39 -6.90
CA LEU A 253 -12.30 11.73 -7.29
C LEU A 253 -11.17 11.68 -8.31
N GLY A 254 -10.24 10.74 -8.12
CA GLY A 254 -9.13 10.59 -9.04
C GLY A 254 -9.61 10.25 -10.43
N ASP A 255 -10.46 9.26 -10.45
CA ASP A 255 -10.95 8.92 -11.72
C ASP A 255 -11.71 10.11 -12.28
N ALA A 256 -12.58 10.72 -11.52
CA ALA A 256 -13.39 11.85 -11.97
C ALA A 256 -12.53 12.91 -12.63
N LEU A 257 -11.39 13.22 -12.03
CA LEU A 257 -10.45 14.15 -12.65
C LEU A 257 -9.91 13.57 -13.95
N GLY A 258 -9.68 12.26 -14.00
CA GLY A 258 -9.30 11.63 -15.25
C GLY A 258 -10.36 11.78 -16.32
N SER A 259 -11.62 11.59 -15.95
CA SER A 259 -12.72 11.78 -16.88
C SER A 259 -12.82 13.22 -17.37
N VAL A 260 -12.63 14.19 -16.46
CA VAL A 260 -12.66 15.58 -16.86
C VAL A 260 -11.54 15.87 -17.85
N ILE A 261 -10.34 15.37 -17.58
CA ILE A 261 -9.25 15.58 -18.52
C ILE A 261 -9.54 14.97 -19.88
N VAL A 262 -10.07 13.73 -19.91
CA VAL A 262 -10.36 13.11 -21.20
C VAL A 262 -11.43 13.89 -21.97
N VAL A 263 -12.50 14.30 -21.28
CA VAL A 263 -13.57 15.04 -21.96
C VAL A 263 -13.04 16.37 -22.51
N VAL A 264 -12.30 17.13 -21.68
CA VAL A 264 -11.79 18.42 -22.13
C VAL A 264 -10.84 18.23 -23.30
N ASN A 265 -9.96 17.22 -23.22
CA ASN A 265 -9.01 17.00 -24.31
C ASN A 265 -9.74 16.64 -25.60
N ALA A 266 -10.76 15.77 -25.51
CA ALA A 266 -11.51 15.40 -26.71
C ALA A 266 -12.23 16.61 -27.30
N LEU A 267 -12.82 17.45 -26.45
CA LEU A 267 -13.50 18.64 -26.94
C LEU A 267 -12.52 19.59 -27.62
N VAL A 268 -11.35 19.79 -27.01
CA VAL A 268 -10.37 20.72 -27.58
C VAL A 268 -9.80 20.17 -28.89
N PHE A 269 -9.60 18.85 -28.97
CA PHE A 269 -9.22 18.26 -30.24
C PHE A 269 -10.30 18.50 -31.31
N TYR A 270 -11.56 18.25 -30.97
CA TYR A 270 -12.61 18.38 -31.98
C TYR A 270 -12.86 19.83 -32.37
N PHE A 271 -12.51 20.78 -31.51
CA PHE A 271 -12.82 22.18 -31.80
C PHE A 271 -11.63 22.98 -32.33
N SER A 272 -10.41 22.57 -32.00
CA SER A 272 -9.24 23.39 -32.27
C SER A 272 -8.09 22.62 -32.92
N TRP A 273 -8.26 21.33 -33.18
CA TRP A 273 -7.24 20.54 -33.86
C TRP A 273 -7.73 20.19 -35.25
N LYS A 274 -7.01 20.64 -36.27
CA LYS A 274 -7.32 20.38 -37.66
C LYS A 274 -6.21 19.59 -38.35
N GLY A 275 -5.72 18.56 -37.68
CA GLY A 275 -4.60 17.80 -38.23
C GLY A 275 -5.00 17.01 -39.46
N CYS A 276 -3.99 16.62 -40.23
CA CYS A 276 -4.19 15.96 -41.51
C CYS A 276 -3.85 14.47 -41.43
N SER A 277 -4.71 13.66 -42.04
CA SER A 277 -4.48 12.22 -42.14
C SER A 277 -4.85 11.65 -43.51
N GLU A 278 -5.43 12.44 -44.40
CA GLU A 278 -5.85 11.93 -45.71
C GLU A 278 -4.65 11.47 -46.54
N GLY A 279 -3.58 12.24 -46.56
CA GLY A 279 -2.37 11.88 -47.28
C GLY A 279 -2.10 12.72 -48.52
N ASP A 280 -3.02 13.60 -48.90
CA ASP A 280 -2.86 14.44 -50.09
C ASP A 280 -2.77 15.89 -49.62
N PHE A 281 -1.66 16.56 -49.95
CA PHE A 281 -1.32 17.84 -49.36
C PHE A 281 -1.34 17.72 -47.84
N CYS A 282 -0.47 16.84 -47.33
CA CYS A 282 -0.49 16.44 -45.93
C CYS A 282 0.92 16.49 -45.36
N VAL A 283 1.06 17.12 -44.20
CA VAL A 283 2.35 17.24 -43.54
C VAL A 283 2.13 17.50 -42.05
N ASN A 284 2.92 16.84 -41.22
CA ASN A 284 2.85 16.97 -39.77
C ASN A 284 4.18 17.54 -39.29
N PRO A 285 4.32 18.87 -39.24
CA PRO A 285 5.60 19.46 -38.83
C PRO A 285 5.88 19.23 -37.36
N CYS A 286 4.90 19.55 -36.52
CA CYS A 286 5.10 19.41 -35.07
C CYS A 286 5.18 17.95 -34.65
N PHE A 287 4.15 17.22 -35.04
CA PHE A 287 4.09 15.85 -34.62
C PHE A 287 5.26 15.25 -35.25
N PRO A 288 6.10 14.71 -34.42
CA PRO A 288 7.21 14.02 -35.03
C PRO A 288 6.74 12.66 -35.30
N ASP A 289 7.63 11.84 -35.78
CA ASP A 289 7.25 10.47 -35.96
C ASP A 289 5.95 10.37 -36.74
N PRO A 290 5.87 11.01 -37.91
CA PRO A 290 4.62 10.80 -38.63
C PRO A 290 4.74 9.45 -39.30
N CYS A 291 4.92 8.39 -38.51
CA CYS A 291 5.12 7.04 -39.03
C CYS A 291 6.27 6.93 -40.03
N LYS A 292 6.00 6.29 -41.16
CA LYS A 292 7.01 6.14 -42.21
C LYS A 292 6.74 7.13 -43.31
N ALA A 293 7.74 7.95 -43.65
CA ALA A 293 7.54 8.99 -44.65
C ALA A 293 6.10 9.48 -44.65
N TYR A 306 -1.51 21.19 -47.05
CA TYR A 306 -2.01 21.99 -45.94
C TYR A 306 -1.10 21.90 -44.73
N GLU A 307 -1.51 22.52 -43.63
CA GLU A 307 -0.76 22.47 -42.38
C GLU A 307 -1.59 21.73 -41.34
N ALA A 308 -0.89 20.92 -40.54
CA ALA A 308 -1.57 20.16 -39.50
C ALA A 308 -2.09 21.07 -38.40
N GLY A 309 -2.80 20.47 -37.44
CA GLY A 309 -3.35 21.21 -36.35
C GLY A 309 -2.29 21.76 -35.43
N PRO A 310 -2.68 22.76 -34.63
CA PRO A 310 -1.73 23.37 -33.68
C PRO A 310 -1.22 22.37 -32.66
N CYS A 311 0.09 22.11 -32.67
CA CYS A 311 0.66 21.07 -31.83
C CYS A 311 0.65 21.43 -30.34
N TRP A 312 0.41 22.71 -30.02
CA TRP A 312 0.45 23.11 -28.62
C TRP A 312 -0.69 22.45 -27.89
N VAL A 313 -1.79 22.18 -28.60
CA VAL A 313 -2.96 21.60 -27.96
C VAL A 313 -2.63 20.19 -27.53
N LEU A 314 -1.83 19.48 -28.34
CA LEU A 314 -1.52 18.10 -28.02
C LEU A 314 -0.73 18.02 -26.70
N TYR A 315 -0.10 19.13 -26.31
CA TYR A 315 0.64 18.95 -25.07
C TYR A 315 -0.18 19.45 -23.93
N LEU A 316 -1.43 19.74 -24.25
CA LEU A 316 -2.44 20.11 -23.32
C LEU A 316 -2.73 18.88 -22.49
N ASP A 317 -2.73 17.70 -23.15
CA ASP A 317 -3.03 16.46 -22.41
C ASP A 317 -2.03 16.16 -21.30
N PRO A 318 -0.71 16.18 -21.52
CA PRO A 318 0.23 15.87 -20.43
C PRO A 318 0.13 16.80 -19.23
N THR A 319 0.30 18.10 -19.48
CA THR A 319 0.40 19.09 -18.40
C THR A 319 -0.77 19.01 -17.43
N LEU A 320 -2.01 19.06 -17.93
CA LEU A 320 -3.16 18.96 -17.04
C LEU A 320 -3.09 17.70 -16.18
N CYS A 321 -2.78 16.56 -16.81
CA CYS A 321 -2.62 15.33 -16.05
C CYS A 321 -1.65 15.53 -14.89
N VAL A 322 -0.50 16.13 -15.17
CA VAL A 322 0.46 16.39 -14.09
C VAL A 322 -0.20 17.21 -12.99
N VAL A 323 -0.83 18.32 -13.38
CA VAL A 323 -1.54 19.14 -12.39
C VAL A 323 -2.51 18.28 -11.61
N MET A 324 -3.27 17.44 -12.34
CA MET A 324 -4.25 16.58 -11.71
C MET A 324 -3.62 15.78 -10.58
N VAL A 325 -2.50 15.11 -10.87
CA VAL A 325 -1.96 14.21 -9.85
C VAL A 325 -1.57 15.01 -8.63
N CYS A 326 -1.04 16.22 -8.83
CA CYS A 326 -0.68 17.06 -7.69
C CYS A 326 -1.87 17.21 -6.76
N ILE A 327 -3.02 17.63 -7.33
CA ILE A 327 -4.23 17.74 -6.53
C ILE A 327 -4.47 16.46 -5.75
N LEU A 328 -4.53 15.32 -6.46
CA LEU A 328 -4.78 14.07 -5.78
C LEU A 328 -3.77 13.84 -4.67
N LEU A 329 -2.48 14.00 -4.98
CA LEU A 329 -1.45 13.76 -3.98
C LEU A 329 -1.71 14.62 -2.75
N TYR A 330 -2.01 15.90 -2.96
CA TYR A 330 -2.34 16.76 -1.84
C TYR A 330 -3.47 16.15 -1.02
N THR A 331 -4.61 15.89 -1.66
CA THR A 331 -5.73 15.37 -0.91
C THR A 331 -5.49 13.95 -0.42
N THR A 332 -4.52 13.24 -1.00
CA THR A 332 -4.21 11.91 -0.50
C THR A 332 -3.32 11.95 0.74
N TYR A 333 -2.53 13.01 0.90
CA TYR A 333 -1.52 13.00 1.97
C TYR A 333 -2.08 12.89 3.38
N PRO A 334 -3.11 13.66 3.79
CA PRO A 334 -3.62 13.50 5.16
C PRO A 334 -4.11 12.12 5.54
N LEU A 335 -4.88 11.47 4.66
CA LEU A 335 -5.41 10.15 4.98
C LEU A 335 -4.32 9.12 5.22
N LEU A 336 -3.39 8.98 4.26
CA LEU A 336 -2.29 8.06 4.48
C LEU A 336 -1.40 8.47 5.67
N LYS A 337 -1.50 9.73 6.08
CA LYS A 337 -0.80 10.09 7.30
C LYS A 337 -1.63 9.62 8.46
N GLU A 338 -2.92 9.85 8.35
CA GLU A 338 -3.78 9.55 9.45
C GLU A 338 -3.86 8.04 9.53
N SER A 339 -3.87 7.39 8.37
CA SER A 339 -4.03 5.94 8.41
C SER A 339 -2.74 5.31 8.90
N ALA A 340 -1.61 5.89 8.54
CA ALA A 340 -0.38 5.20 8.93
C ALA A 340 -0.07 5.51 10.38
N LEU A 341 -0.82 6.44 10.97
CA LEU A 341 -0.58 6.65 12.38
C LEU A 341 -1.55 5.84 13.18
N ILE A 342 -2.67 5.45 12.56
CA ILE A 342 -3.53 4.51 13.25
C ILE A 342 -2.80 3.18 13.28
N LEU A 343 -1.77 3.04 12.45
CA LEU A 343 -1.00 1.81 12.44
C LEU A 343 0.41 2.03 13.00
N LEU A 344 0.60 3.07 13.80
CA LEU A 344 1.89 3.28 14.42
C LEU A 344 1.85 3.34 15.94
N GLN A 345 0.69 3.10 16.55
CA GLN A 345 0.52 3.16 17.99
C GLN A 345 0.89 4.52 18.56
N THR A 346 0.86 5.55 17.73
CA THR A 346 1.13 6.90 18.20
C THR A 346 -0.04 7.38 19.06
N VAL A 347 0.30 8.19 20.07
CA VAL A 347 -0.78 8.73 20.90
C VAL A 347 -1.67 9.63 20.05
N PRO A 348 -2.99 9.52 20.14
CA PRO A 348 -3.85 10.39 19.34
C PRO A 348 -3.63 11.85 19.67
N LYS A 349 -3.81 12.70 18.65
CA LYS A 349 -3.48 14.11 18.77
C LYS A 349 -4.23 14.80 19.91
N GLN A 350 -5.48 14.39 20.17
CA GLN A 350 -6.26 14.99 21.24
C GLN A 350 -5.65 14.74 22.61
N ILE A 351 -4.82 13.71 22.77
CA ILE A 351 -4.22 13.36 24.06
C ILE A 351 -2.76 13.79 24.03
N ASP A 352 -2.31 14.42 25.11
CA ASP A 352 -0.92 14.76 25.31
C ASP A 352 -0.42 14.01 26.53
N ILE A 353 0.81 13.48 26.45
CA ILE A 353 1.26 12.57 27.50
C ILE A 353 1.88 13.33 28.66
N ARG A 354 2.48 14.49 28.38
CA ARG A 354 3.15 15.23 29.45
C ARG A 354 2.14 15.67 30.50
N ASN A 355 1.00 16.19 30.04
CA ASN A 355 -0.05 16.63 30.96
C ASN A 355 -0.63 15.45 31.73
N LEU A 356 -0.84 14.33 31.05
CA LEU A 356 -1.35 13.12 31.68
C LEU A 356 -0.44 12.62 32.80
N ILE A 357 0.87 12.57 32.56
CA ILE A 357 1.79 12.08 33.59
C ILE A 357 1.72 12.95 34.83
N LYS A 358 1.78 14.28 34.64
CA LYS A 358 1.79 15.16 35.79
C LYS A 358 0.47 15.12 36.53
N GLU A 359 -0.64 15.01 35.80
CA GLU A 359 -1.95 14.97 36.44
C GLU A 359 -2.16 13.67 37.21
N LEU A 360 -1.65 12.55 36.66
CA LEU A 360 -1.73 11.30 37.38
C LEU A 360 -0.82 11.31 38.61
N ARG A 361 0.31 12.00 38.52
CA ARG A 361 1.20 12.12 39.67
C ARG A 361 0.58 12.99 40.76
N ASN A 362 -0.17 14.02 40.37
CA ASN A 362 -0.78 14.91 41.35
C ASN A 362 -1.89 14.24 42.14
N VAL A 363 -2.36 13.06 41.69
CA VAL A 363 -3.40 12.34 42.41
C VAL A 363 -2.83 11.84 43.73
N GLU A 364 -3.60 12.00 44.80
CA GLU A 364 -3.15 11.58 46.12
C GLU A 364 -2.92 10.07 46.17
N GLY A 365 -1.88 9.67 46.91
CA GLY A 365 -1.48 8.28 46.98
C GLY A 365 -0.55 7.83 45.88
N VAL A 366 -0.31 8.65 44.87
CA VAL A 366 0.60 8.30 43.78
C VAL A 366 1.83 9.19 43.85
N GLU A 367 2.92 8.39 43.71
CA GLU A 367 4.21 8.99 43.62
C GLU A 367 4.79 8.48 42.30
N GLU A 368 4.13 7.58 41.57
CA GLU A 368 4.74 7.02 40.35
C GLU A 368 3.88 6.58 39.18
N VAL A 369 4.44 6.51 37.97
CA VAL A 369 3.74 5.95 36.83
C VAL A 369 4.87 5.46 36.00
N HIS A 370 4.69 4.48 35.16
CA HIS A 370 5.81 3.92 34.48
C HIS A 370 5.20 3.10 33.44
N GLU A 371 5.82 3.03 32.30
CA GLU A 371 5.24 2.36 31.20
C GLU A 371 3.87 2.85 30.93
N LEU A 372 3.70 4.10 30.55
CA LEU A 372 2.40 4.52 30.20
C LEU A 372 2.41 4.41 28.78
N HIS A 373 1.53 3.62 28.23
CA HIS A 373 1.41 3.49 26.83
C HIS A 373 0.05 3.91 26.54
N VAL A 374 -0.20 4.78 25.59
CA VAL A 374 -1.53 5.11 25.23
C VAL A 374 -1.46 4.95 23.79
N TRP A 375 -2.40 4.30 23.20
CA TRP A 375 -2.36 4.03 21.82
C TRP A 375 -3.64 3.99 21.28
N GLN A 376 -3.85 4.27 20.03
CA GLN A 376 -5.21 4.41 19.53
C GLN A 376 -5.60 3.20 18.71
N LEU A 377 -6.68 2.53 19.12
CA LEU A 377 -7.17 1.44 18.30
C LEU A 377 -7.85 2.08 17.09
N ALA A 378 -8.28 1.24 16.16
CA ALA A 378 -9.00 1.78 15.01
C ALA A 378 -10.23 2.54 15.47
N GLY A 379 -10.43 3.72 14.90
CA GLY A 379 -11.49 4.62 15.33
C GLY A 379 -11.22 5.20 16.71
N SER A 380 -12.27 5.50 17.46
CA SER A 380 -12.14 6.14 18.77
C SER A 380 -12.21 5.05 19.84
N ARG A 381 -11.18 4.22 19.89
CA ARG A 381 -11.05 3.16 20.90
C ARG A 381 -9.66 3.25 21.52
N ILE A 382 -9.29 4.45 21.95
CA ILE A 382 -7.99 4.70 22.55
C ILE A 382 -7.78 3.76 23.73
N ILE A 383 -6.65 3.07 23.74
CA ILE A 383 -6.29 2.08 24.75
C ILE A 383 -5.06 2.57 25.49
N ALA A 384 -5.13 2.59 26.81
CA ALA A 384 -4.02 3.05 27.65
C ALA A 384 -3.79 2.06 28.78
N THR A 385 -2.53 1.65 28.95
CA THR A 385 -2.12 0.78 30.03
C THR A 385 -1.05 1.48 30.86
N ALA A 386 -1.13 1.33 32.19
CA ALA A 386 -0.21 2.02 33.07
C ALA A 386 0.16 1.20 34.29
N HIS A 387 1.23 1.60 34.96
CA HIS A 387 1.66 1.00 36.22
C HIS A 387 1.61 2.07 37.29
N ILE A 388 1.00 1.77 38.43
CA ILE A 388 0.88 2.83 39.43
C ILE A 388 1.31 2.31 40.79
N LYS A 389 2.34 2.94 41.36
CA LYS A 389 2.90 2.50 42.63
C LYS A 389 2.06 3.11 43.74
N CYS A 390 1.73 2.34 44.76
CA CYS A 390 0.97 2.89 45.88
C CYS A 390 1.60 2.38 47.19
N GLU A 391 1.06 2.86 48.32
CA GLU A 391 1.54 2.48 49.64
C GLU A 391 0.61 1.49 50.34
N ASP A 392 -0.68 1.81 50.45
CA ASP A 392 -1.65 0.97 51.13
C ASP A 392 -2.51 0.28 50.09
N PRO A 393 -2.44 -1.05 49.96
CA PRO A 393 -3.23 -1.73 48.91
C PRO A 393 -4.73 -1.56 49.03
N THR A 394 -5.27 -1.46 50.25
CA THR A 394 -6.71 -1.30 50.41
C THR A 394 -7.21 0.00 49.80
N SER A 395 -6.48 1.09 50.02
CA SER A 395 -6.94 2.34 49.46
C SER A 395 -6.62 2.37 47.99
N TYR A 396 -5.90 1.34 47.55
CA TYR A 396 -5.46 1.29 46.17
C TYR A 396 -6.70 1.25 45.31
N MET A 397 -7.72 0.54 45.79
CA MET A 397 -8.91 0.38 44.96
C MET A 397 -9.58 1.73 44.76
N GLU A 398 -9.72 2.51 45.83
CA GLU A 398 -10.31 3.82 45.64
C GLU A 398 -9.34 4.70 44.85
N VAL A 399 -8.04 4.50 45.09
CA VAL A 399 -7.03 5.21 44.32
C VAL A 399 -7.18 4.83 42.86
N ALA A 400 -7.40 3.55 42.60
CA ALA A 400 -7.52 3.10 41.22
C ALA A 400 -8.76 3.69 40.57
N LYS A 401 -9.84 3.83 41.34
CA LYS A 401 -11.01 4.48 40.76
C LYS A 401 -10.70 5.93 40.42
N THR A 402 -9.92 6.59 41.29
CA THR A 402 -9.47 7.94 40.97
C THR A 402 -8.61 7.90 39.72
N ILE A 403 -7.75 6.87 39.63
CA ILE A 403 -6.90 6.74 38.46
C ILE A 403 -7.76 6.55 37.22
N LYS A 404 -8.82 5.74 37.34
CA LYS A 404 -9.73 5.56 36.21
C LYS A 404 -10.41 6.88 35.87
N ASP A 405 -10.70 7.69 36.88
CA ASP A 405 -11.29 9.00 36.64
C ASP A 405 -10.34 9.87 35.83
N VAL A 406 -9.04 9.81 36.11
CA VAL A 406 -8.12 10.61 35.32
C VAL A 406 -8.16 10.11 33.89
N PHE A 407 -7.83 8.86 33.68
CA PHE A 407 -7.72 8.44 32.31
C PHE A 407 -9.02 8.86 31.79
N HIS A 408 -10.03 8.72 32.59
CA HIS A 408 -11.26 8.95 31.92
C HIS A 408 -11.40 10.34 31.48
N ASN A 409 -10.99 11.27 32.30
CA ASN A 409 -11.29 12.58 31.81
C ASN A 409 -10.62 12.66 30.49
N HIS A 410 -9.40 12.21 30.45
CA HIS A 410 -8.74 12.41 29.17
C HIS A 410 -9.35 11.63 28.02
N GLY A 411 -10.40 10.84 28.27
CA GLY A 411 -11.09 10.10 27.25
C GLY A 411 -10.67 8.65 27.16
N ILE A 412 -9.56 8.29 27.79
CA ILE A 412 -9.03 6.94 27.63
C ILE A 412 -9.96 6.10 28.34
N HIS A 413 -10.87 5.48 27.62
CA HIS A 413 -11.87 4.73 28.37
C HIS A 413 -11.66 3.21 28.46
N ALA A 414 -10.46 2.68 28.12
CA ALA A 414 -10.12 1.28 28.33
C ALA A 414 -8.81 1.25 28.99
N THR A 415 -8.66 0.58 30.11
CA THR A 415 -7.45 0.75 30.77
C THR A 415 -7.05 -0.46 31.50
N THR A 416 -5.79 -0.66 31.79
CA THR A 416 -5.41 -1.69 32.66
C THR A 416 -4.33 -1.04 33.44
N ILE A 417 -4.37 -0.99 34.75
CA ILE A 417 -3.37 -0.25 35.50
C ILE A 417 -2.72 -1.00 36.64
N GLN A 418 -1.72 -1.83 36.39
CA GLN A 418 -1.12 -2.68 37.44
C GLN A 418 -0.58 -1.99 38.61
N PRO A 419 -0.84 -2.47 39.80
CA PRO A 419 -0.41 -1.83 41.02
C PRO A 419 1.06 -1.86 41.40
N GLU A 420 1.78 -2.93 41.24
CA GLU A 420 3.20 -2.86 41.61
C GLU A 420 3.36 -2.28 42.98
N PHE A 421 2.69 -2.87 43.96
CA PHE A 421 2.75 -2.37 45.32
C PHE A 421 4.15 -2.29 45.83
N GLY B 5 23.30 -0.13 10.56
CA GLY B 5 24.52 0.21 9.86
C GLY B 5 24.68 -0.52 8.54
N ARG B 6 24.70 -1.86 8.61
CA ARG B 6 24.82 -2.67 7.40
C ARG B 6 23.61 -2.50 6.50
N ASN B 7 22.41 -2.51 7.08
CA ASN B 7 21.19 -2.41 6.29
C ASN B 7 21.08 -1.06 5.58
N ARG B 8 21.34 0.03 6.30
CA ARG B 8 21.30 1.35 5.67
C ARG B 8 22.38 1.48 4.61
N GLY B 9 23.55 0.88 4.84
CA GLY B 9 24.58 0.90 3.83
C GLY B 9 24.18 0.17 2.56
N ARG B 10 23.58 -1.02 2.69
CA ARG B 10 23.11 -1.75 1.53
C ARG B 10 22.06 -0.97 0.75
N LEU B 11 21.08 -0.40 1.47
CA LEU B 11 20.03 0.35 0.79
C LEU B 11 20.57 1.58 0.08
N LEU B 12 21.47 2.32 0.74
CA LEU B 12 22.04 3.50 0.11
C LEU B 12 22.90 3.12 -1.10
N CYS B 13 23.65 2.03 -1.00
CA CYS B 13 24.45 1.60 -2.14
C CYS B 13 23.57 1.23 -3.33
N MET B 14 22.51 0.45 -3.11
CA MET B 14 21.62 0.11 -4.22
C MET B 14 20.90 1.33 -4.78
N LEU B 15 20.48 2.28 -3.94
CA LEU B 15 19.86 3.49 -4.49
C LEU B 15 20.85 4.25 -5.36
N ALA B 16 22.10 4.36 -4.91
CA ALA B 16 23.11 5.07 -5.68
C ALA B 16 23.39 4.37 -7.01
N LEU B 17 23.59 3.05 -6.97
CA LEU B 17 23.78 2.27 -8.19
C LEU B 17 22.56 2.39 -9.11
N THR B 18 21.37 2.51 -8.53
CA THR B 18 20.16 2.62 -9.34
C THR B 18 20.15 3.96 -10.08
N PHE B 19 20.54 5.03 -9.41
CA PHE B 19 20.71 6.31 -10.09
C PHE B 19 21.76 6.21 -11.19
N MET B 20 22.87 5.50 -10.93
CA MET B 20 23.90 5.36 -11.97
C MET B 20 23.37 4.61 -13.19
N PHE B 21 22.58 3.56 -12.98
CA PHE B 21 22.04 2.85 -14.13
C PHE B 21 20.96 3.67 -14.82
N MET B 22 20.25 4.51 -14.07
CA MET B 22 19.35 5.48 -14.70
C MET B 22 20.09 6.42 -15.64
N VAL B 23 21.20 6.99 -15.17
CA VAL B 23 21.98 7.89 -16.02
C VAL B 23 22.52 7.12 -17.23
N LEU B 24 22.96 5.88 -17.03
CA LEU B 24 23.45 5.09 -18.15
C LEU B 24 22.36 4.89 -19.19
N GLU B 25 21.14 4.54 -18.76
CA GLU B 25 20.04 4.39 -19.71
C GLU B 25 19.75 5.71 -20.45
N VAL B 26 19.72 6.83 -19.73
CA VAL B 26 19.38 8.09 -20.38
C VAL B 26 20.44 8.43 -21.43
N VAL B 27 21.73 8.29 -21.10
CA VAL B 27 22.77 8.65 -22.05
C VAL B 27 22.77 7.68 -23.23
N VAL B 28 22.51 6.39 -22.99
CA VAL B 28 22.46 5.43 -24.09
C VAL B 28 21.30 5.78 -25.02
N SER B 29 20.14 6.12 -24.47
CA SER B 29 19.03 6.58 -25.28
C SER B 29 19.41 7.83 -26.07
N ARG B 30 20.18 8.72 -25.45
CA ARG B 30 20.58 9.96 -26.12
C ARG B 30 21.47 9.65 -27.31
N VAL B 31 22.42 8.74 -27.16
CA VAL B 31 23.31 8.38 -28.26
C VAL B 31 22.53 7.63 -29.34
N THR B 32 21.61 6.76 -28.93
CA THR B 32 20.87 5.94 -29.87
C THR B 32 19.65 6.64 -30.43
N SER B 33 19.22 7.74 -29.81
CA SER B 33 18.00 8.47 -30.20
C SER B 33 16.78 7.56 -30.09
N SER B 34 16.61 6.94 -28.93
CA SER B 34 15.49 6.08 -28.63
C SER B 34 14.77 6.58 -27.38
N LEU B 35 13.50 6.22 -27.24
CA LEU B 35 12.69 6.78 -26.18
C LEU B 35 12.17 5.70 -25.22
N ALA B 36 11.98 4.49 -25.74
CA ALA B 36 11.59 3.39 -24.86
C ALA B 36 12.65 3.11 -23.80
N MET B 37 13.91 3.41 -24.10
CA MET B 37 14.95 3.32 -23.09
C MET B 37 14.69 4.31 -21.97
N LEU B 38 14.20 5.45 -22.42
CA LEU B 38 13.83 6.45 -21.46
C LEU B 38 12.63 5.89 -20.70
N SER B 39 11.88 5.02 -21.33
CA SER B 39 10.81 4.45 -20.59
C SER B 39 11.39 3.56 -19.50
N ASP B 40 12.48 2.92 -19.84
CA ASP B 40 13.14 2.12 -18.81
C ASP B 40 13.77 3.02 -17.74
N SER B 41 13.92 4.27 -18.08
CA SER B 41 14.39 5.14 -17.05
C SER B 41 13.32 5.24 -15.98
N PHE B 42 12.11 5.03 -16.37
CA PHE B 42 11.17 5.25 -15.32
C PHE B 42 10.84 4.06 -14.47
N HIS B 43 11.20 2.95 -14.95
CA HIS B 43 10.99 1.86 -14.08
C HIS B 43 12.00 2.09 -13.01
N MET B 44 13.09 2.68 -13.42
CA MET B 44 14.07 2.92 -12.45
C MET B 44 13.52 3.96 -11.48
N LEU B 45 12.79 4.94 -11.92
CA LEU B 45 12.24 5.82 -10.90
C LEU B 45 11.46 4.99 -9.95
N SER B 46 10.68 4.04 -10.39
CA SER B 46 10.01 3.14 -9.36
C SER B 46 10.84 2.27 -8.42
N ASP B 47 11.91 1.66 -8.89
CA ASP B 47 12.74 0.99 -7.94
C ASP B 47 13.33 2.01 -6.98
N VAL B 48 13.70 3.18 -7.40
CA VAL B 48 14.17 4.16 -6.45
C VAL B 48 13.12 4.46 -5.45
N LEU B 49 11.85 4.58 -5.82
CA LEU B 49 10.82 4.76 -4.77
C LEU B 49 10.76 3.62 -3.82
N ALA B 50 10.82 2.39 -4.25
CA ALA B 50 10.83 1.39 -3.16
C ALA B 50 11.99 1.54 -2.31
N LEU B 51 13.13 1.75 -2.86
CA LEU B 51 14.23 1.83 -1.93
C LEU B 51 14.10 3.02 -0.95
N VAL B 52 13.66 4.18 -1.35
CA VAL B 52 13.47 5.26 -0.40
C VAL B 52 12.45 4.91 0.63
N VAL B 53 11.35 4.26 0.31
CA VAL B 53 10.44 3.87 1.42
C VAL B 53 11.10 2.85 2.35
N ALA B 54 11.82 1.90 1.86
CA ALA B 54 12.38 0.99 2.81
C ALA B 54 13.23 1.79 3.66
N LEU B 55 13.81 2.89 3.24
CA LEU B 55 14.76 3.57 4.17
C LEU B 55 14.25 4.54 5.23
N VAL B 56 13.11 5.14 4.97
CA VAL B 56 12.64 6.07 5.89
C VAL B 56 12.45 5.06 6.88
N ALA B 57 12.02 3.96 6.45
CA ALA B 57 11.75 3.00 7.39
C ALA B 57 12.92 2.58 8.25
N GLU B 58 14.13 2.26 7.83
CA GLU B 58 15.25 1.98 8.73
C GLU B 58 15.59 3.11 9.67
N ARG B 59 15.61 4.34 9.21
CA ARG B 59 15.90 5.36 10.26
C ARG B 59 14.82 5.36 11.33
N PHE B 60 13.64 5.25 10.83
CA PHE B 60 12.66 5.33 11.81
C PHE B 60 12.65 4.16 12.66
N ALA B 61 12.91 2.97 12.26
CA ALA B 61 12.80 1.89 13.20
C ALA B 61 13.82 2.00 14.15
N ARG B 62 14.74 2.84 13.94
CA ARG B 62 15.78 2.83 14.94
C ARG B 62 15.45 3.66 16.14
N ARG B 63 14.51 4.54 16.00
CA ARG B 63 14.20 5.40 17.09
C ARG B 63 13.34 4.61 18.03
N THR B 64 13.84 3.51 18.52
CA THR B 64 13.06 2.69 19.36
C THR B 64 13.07 3.28 20.67
N HIS B 65 12.39 4.37 20.89
CA HIS B 65 12.44 4.88 22.22
C HIS B 65 11.19 5.60 22.55
N ALA B 66 10.96 5.85 23.81
CA ALA B 66 9.68 6.37 24.18
C ALA B 66 9.42 7.78 23.97
N THR B 67 9.09 8.13 22.78
CA THR B 67 8.77 9.46 22.53
C THR B 67 7.44 9.78 23.07
N GLN B 68 7.06 11.02 23.00
CA GLN B 68 5.76 11.42 23.44
C GLN B 68 4.84 11.68 22.30
N LYS B 69 5.18 11.20 21.12
CA LYS B 69 4.28 11.28 20.03
C LYS B 69 4.16 9.87 19.71
N ASN B 70 4.83 9.04 20.44
CA ASN B 70 4.47 7.67 20.32
C ASN B 70 5.00 7.02 21.53
N THR B 71 4.18 6.58 22.45
CA THR B 71 4.62 6.05 23.67
C THR B 71 5.25 4.79 23.50
N PHE B 72 5.12 4.23 22.36
CA PHE B 72 5.64 2.95 22.16
C PHE B 72 6.86 3.12 21.44
N GLY B 73 6.94 3.98 20.46
CA GLY B 73 8.21 4.04 19.74
C GLY B 73 8.05 3.92 18.24
N TRP B 74 9.02 3.40 17.43
CA TRP B 74 8.70 3.26 16.02
C TRP B 74 8.90 1.94 15.24
N ILE B 75 9.26 0.84 15.77
CA ILE B 75 9.56 -0.44 15.12
C ILE B 75 8.40 -0.81 14.18
N ARG B 76 7.18 -0.52 14.62
CA ARG B 76 6.02 -0.68 13.75
C ARG B 76 6.17 0.13 12.48
N ALA B 77 6.91 1.25 12.53
CA ALA B 77 7.17 1.97 11.30
C ALA B 77 7.91 1.10 10.30
N GLU B 78 8.94 0.38 10.76
CA GLU B 78 9.61 -0.58 9.88
C GLU B 78 8.67 -1.65 9.34
N VAL B 79 7.83 -2.25 10.20
CA VAL B 79 6.89 -3.24 9.63
C VAL B 79 6.02 -2.59 8.56
N MET B 80 5.49 -1.39 8.82
CA MET B 80 4.66 -0.73 7.83
C MET B 80 5.44 -0.45 6.56
N GLY B 81 6.72 -0.10 6.67
CA GLY B 81 7.53 0.07 5.48
C GLY B 81 7.53 -1.20 4.64
N ALA B 82 7.76 -2.34 5.29
CA ALA B 82 7.68 -3.62 4.59
C ALA B 82 6.32 -3.76 3.91
N LEU B 83 5.24 -3.48 4.65
CA LEU B 83 3.89 -3.62 4.13
C LEU B 83 3.70 -2.78 2.88
N VAL B 84 4.09 -1.50 2.95
CA VAL B 84 3.83 -0.61 1.82
C VAL B 84 4.67 -1.02 0.63
N ASN B 85 5.89 -1.51 0.87
CA ASN B 85 6.68 -2.03 -0.24
C ASN B 85 5.94 -3.18 -0.92
N ALA B 86 5.41 -4.12 -0.12
CA ALA B 86 4.65 -5.22 -0.68
C ALA B 86 3.47 -4.72 -1.50
N ILE B 87 2.70 -3.78 -0.96
CA ILE B 87 1.53 -3.25 -1.66
C ILE B 87 1.94 -2.56 -2.96
N PHE B 88 3.05 -1.82 -2.92
CA PHE B 88 3.55 -1.17 -4.13
C PHE B 88 3.93 -2.20 -5.18
N LEU B 89 4.59 -3.28 -4.76
CA LEU B 89 4.97 -4.32 -5.70
C LEU B 89 3.75 -4.99 -6.29
N THR B 90 2.72 -5.25 -5.46
CA THR B 90 1.49 -5.85 -5.96
C THR B 90 0.78 -4.94 -6.97
N GLY B 91 0.78 -3.63 -6.71
CA GLY B 91 0.23 -2.69 -7.68
C GLY B 91 1.00 -2.67 -8.98
N LEU B 92 2.32 -2.66 -8.89
CA LEU B 92 3.14 -2.71 -10.11
C LEU B 92 2.93 -4.03 -10.84
N CYS B 93 2.72 -5.13 -10.10
CA CYS B 93 2.44 -6.41 -10.74
C CYS B 93 1.13 -6.38 -11.49
N PHE B 94 0.09 -5.78 -10.90
CA PHE B 94 -1.18 -5.68 -11.61
C PHE B 94 -1.07 -4.80 -12.84
N ALA B 95 -0.35 -3.68 -12.74
CA ALA B 95 -0.17 -2.82 -13.90
C ALA B 95 0.65 -3.51 -14.98
N ILE B 96 1.65 -4.30 -14.59
CA ILE B 96 2.42 -5.08 -15.55
C ILE B 96 1.53 -6.11 -16.22
N LEU B 97 0.67 -6.79 -15.46
CA LEU B 97 -0.22 -7.78 -16.06
C LEU B 97 -1.15 -7.11 -17.07
N LEU B 98 -1.61 -5.90 -16.76
CA LEU B 98 -2.56 -5.26 -17.66
C LEU B 98 -1.85 -4.72 -18.90
N GLU B 99 -0.55 -4.41 -18.75
CA GLU B 99 0.24 -4.06 -19.93
C GLU B 99 0.51 -5.30 -20.77
N ALA B 100 0.77 -6.42 -20.12
CA ALA B 100 0.99 -7.66 -20.86
C ALA B 100 -0.25 -8.00 -21.68
N ILE B 101 -1.43 -7.89 -21.07
CA ILE B 101 -2.66 -8.13 -21.82
C ILE B 101 -2.81 -7.13 -22.97
N GLU B 102 -2.51 -5.85 -22.70
CA GLU B 102 -2.63 -4.83 -23.74
C GLU B 102 -1.67 -5.08 -24.89
N ARG B 103 -0.55 -5.75 -24.61
CA ARG B 103 0.38 -6.10 -25.69
C ARG B 103 0.00 -7.42 -26.34
N PHE B 104 -0.74 -8.26 -25.63
CA PHE B 104 -1.31 -9.46 -26.26
C PHE B 104 -2.34 -9.08 -27.30
N ILE B 105 -3.23 -8.14 -26.95
CA ILE B 105 -4.28 -7.71 -27.88
C ILE B 105 -3.71 -6.84 -28.98
N GLU B 106 -2.73 -5.98 -28.62
CA GLU B 106 -2.01 -5.15 -29.59
C GLU B 106 -0.53 -5.52 -29.54
N PRO B 107 -0.05 -6.31 -30.48
CA PRO B 107 1.37 -6.63 -30.51
C PRO B 107 2.19 -5.37 -30.80
N HIS B 108 3.38 -5.32 -30.21
CA HIS B 108 4.27 -4.18 -30.34
C HIS B 108 5.62 -4.66 -30.86
N GLU B 109 6.13 -3.99 -31.89
CA GLU B 109 7.44 -4.30 -32.44
C GLU B 109 8.42 -3.20 -32.04
N MET B 110 9.63 -3.61 -31.64
CA MET B 110 10.67 -2.68 -31.21
C MET B 110 11.76 -2.56 -32.27
N GLN B 111 12.59 -1.54 -32.09
CA GLN B 111 13.70 -1.23 -32.97
C GLN B 111 15.00 -1.21 -32.18
N GLN B 112 16.11 -1.37 -32.91
CA GLN B 112 17.45 -1.42 -32.35
C GLN B 112 17.56 -2.54 -31.31
N PRO B 113 17.49 -3.81 -31.75
CA PRO B 113 17.56 -4.92 -30.79
C PRO B 113 18.85 -4.97 -30.00
N LEU B 114 19.98 -4.53 -30.57
CA LEU B 114 21.26 -4.68 -29.90
C LEU B 114 21.35 -3.82 -28.64
N VAL B 115 20.93 -2.56 -28.71
CA VAL B 115 21.00 -1.70 -27.53
C VAL B 115 20.03 -2.19 -26.46
N VAL B 116 18.87 -2.69 -26.88
CA VAL B 116 17.92 -3.26 -25.93
C VAL B 116 18.52 -4.48 -25.24
N LEU B 117 19.21 -5.33 -26.00
CA LEU B 117 19.87 -6.50 -25.41
C LEU B 117 20.96 -6.07 -24.42
N GLY B 118 21.74 -5.07 -24.79
CA GLY B 118 22.79 -4.62 -23.88
C GLY B 118 22.25 -4.03 -22.58
N VAL B 119 21.22 -3.18 -22.69
CA VAL B 119 20.63 -2.65 -21.47
C VAL B 119 19.98 -3.76 -20.65
N GLY B 120 19.37 -4.74 -21.30
CA GLY B 120 18.80 -5.86 -20.56
C GLY B 120 19.83 -6.71 -19.84
N VAL B 121 20.97 -6.97 -20.49
CA VAL B 121 22.02 -7.73 -19.81
C VAL B 121 22.56 -6.93 -18.63
N ALA B 122 22.76 -5.62 -18.80
CA ALA B 122 23.23 -4.80 -17.70
C ALA B 122 22.23 -4.81 -16.55
N GLY B 123 20.94 -4.67 -16.85
CA GLY B 123 19.94 -4.73 -15.80
C GLY B 123 19.88 -6.09 -15.13
N LEU B 124 20.08 -7.17 -15.88
CA LEU B 124 20.14 -8.49 -15.29
C LEU B 124 21.31 -8.61 -14.32
N LEU B 125 22.47 -8.08 -14.71
CA LEU B 125 23.62 -8.10 -13.81
C LEU B 125 23.34 -7.30 -12.55
N VAL B 126 22.75 -6.12 -12.69
CA VAL B 126 22.44 -5.29 -11.53
C VAL B 126 21.47 -6.00 -10.60
N ASN B 127 20.42 -6.60 -11.17
CA ASN B 127 19.44 -7.29 -10.36
C ASN B 127 19.99 -8.54 -9.71
N VAL B 128 20.90 -9.26 -10.37
CA VAL B 128 21.52 -10.41 -9.73
C VAL B 128 22.39 -9.97 -8.58
N LEU B 129 23.10 -8.85 -8.75
CA LEU B 129 23.87 -8.31 -7.64
C LEU B 129 22.96 -7.96 -6.46
N GLY B 130 21.82 -7.31 -6.74
CA GLY B 130 20.90 -7.00 -5.65
C GLY B 130 20.32 -8.23 -4.97
N LEU B 131 19.95 -9.26 -5.74
CA LEU B 131 19.43 -10.47 -5.10
C LEU B 131 20.48 -11.19 -4.26
N CYS B 132 21.72 -11.30 -4.75
CA CYS B 132 22.73 -11.90 -3.90
C CYS B 132 23.02 -11.08 -2.66
N LEU B 133 23.04 -9.76 -2.76
CA LEU B 133 23.21 -8.91 -1.59
C LEU B 133 22.07 -8.99 -0.59
N PHE B 134 20.82 -9.06 -1.04
CA PHE B 134 19.66 -8.95 -0.17
C PHE B 134 19.12 -10.30 0.28
N HIS B 135 19.92 -11.37 0.19
CA HIS B 135 19.47 -12.68 0.61
C HIS B 135 19.24 -12.73 2.11
N HIS B 146 8.72 0.64 22.64
CA HIS B 146 9.22 0.14 23.88
C HIS B 146 8.38 -1.10 24.23
N GLY B 147 8.72 -2.21 23.61
CA GLY B 147 8.02 -3.43 23.92
C GLY B 147 8.77 -4.06 25.04
N HIS B 148 9.93 -3.51 25.39
CA HIS B 148 10.69 -3.99 26.53
C HIS B 148 10.75 -5.46 26.29
N SER B 149 10.94 -5.86 25.04
CA SER B 149 10.89 -7.27 24.73
C SER B 149 12.16 -7.81 24.16
N HIS B 150 12.61 -7.23 23.07
CA HIS B 150 13.75 -7.76 22.42
C HIS B 150 14.71 -8.03 23.53
N GLY B 151 14.70 -7.16 24.53
CA GLY B 151 15.67 -7.29 25.60
C GLY B 151 15.21 -7.26 27.01
N GLY B 152 16.12 -7.60 27.90
CA GLY B 152 15.81 -7.63 29.30
C GLY B 152 15.22 -8.98 29.48
N HIS B 153 15.51 -9.67 30.58
CA HIS B 153 14.79 -10.92 30.77
C HIS B 153 13.34 -10.48 30.85
N GLY B 154 13.11 -9.28 31.37
CA GLY B 154 11.77 -8.75 31.37
C GLY B 154 11.08 -8.94 32.67
N HIS B 155 11.55 -9.86 33.51
CA HIS B 155 10.96 -9.96 34.83
C HIS B 155 11.18 -8.65 35.57
N GLY B 156 10.15 -8.11 36.19
CA GLY B 156 10.27 -6.81 36.84
C GLY B 156 9.38 -6.71 38.05
N HIS B 157 9.63 -5.74 38.94
CA HIS B 157 8.78 -5.51 40.08
C HIS B 157 7.35 -5.76 39.61
N ASP B 238 13.93 -8.69 16.23
CA ASP B 238 14.76 -8.28 15.10
C ASP B 238 14.07 -8.61 13.78
N ARG B 239 12.94 -9.33 13.87
CA ARG B 239 12.15 -9.78 12.73
C ARG B 239 11.86 -8.65 11.74
N ALA B 240 11.52 -7.46 12.22
CA ALA B 240 11.18 -6.36 11.32
C ALA B 240 12.26 -6.13 10.28
N GLY B 241 13.54 -6.25 10.67
CA GLY B 241 14.60 -6.09 9.68
C GLY B 241 14.47 -7.10 8.56
N GLN B 242 14.14 -8.35 8.91
CA GLN B 242 13.91 -9.37 7.90
C GLN B 242 12.72 -9.02 7.03
N LEU B 243 11.63 -8.53 7.62
CA LEU B 243 10.45 -8.22 6.80
C LEU B 243 10.77 -7.10 5.82
N ASN B 244 11.45 -6.06 6.28
CA ASN B 244 11.78 -4.92 5.42
C ASN B 244 12.72 -5.33 4.29
N MET B 245 13.68 -6.20 4.60
CA MET B 245 14.59 -6.64 3.55
C MET B 245 13.91 -7.63 2.61
N ARG B 246 13.02 -8.48 3.13
CA ARG B 246 12.29 -9.35 2.20
C ARG B 246 11.43 -8.52 1.25
N GLY B 247 10.86 -7.41 1.73
CA GLY B 247 10.12 -6.52 0.85
C GLY B 247 11.00 -5.97 -0.27
N VAL B 248 12.18 -5.48 0.10
CA VAL B 248 13.10 -4.95 -0.91
C VAL B 248 13.60 -6.06 -1.82
N PHE B 249 13.81 -7.24 -1.26
CA PHE B 249 14.25 -8.40 -2.03
C PHE B 249 13.20 -8.79 -3.05
N LEU B 250 11.92 -8.71 -2.68
CA LEU B 250 10.88 -9.02 -3.66
C LEU B 250 10.83 -7.99 -4.77
N HIS B 251 11.08 -6.74 -4.52
CA HIS B 251 11.03 -5.83 -5.61
C HIS B 251 12.19 -6.24 -6.44
N VAL B 252 13.41 -6.30 -5.92
CA VAL B 252 14.58 -6.58 -6.72
C VAL B 252 14.38 -7.85 -7.55
N LEU B 253 13.77 -8.88 -6.96
CA LEU B 253 13.45 -10.10 -7.69
C LEU B 253 12.48 -9.82 -8.84
N GLY B 254 11.53 -8.93 -8.60
CA GLY B 254 10.57 -8.57 -9.62
C GLY B 254 11.25 -7.94 -10.82
N ASP B 255 12.07 -6.98 -10.50
CA ASP B 255 12.75 -6.38 -11.57
C ASP B 255 13.61 -7.42 -12.25
N ALA B 256 14.36 -8.21 -11.51
CA ALA B 256 15.24 -9.22 -12.07
C ALA B 256 14.52 -10.11 -13.07
N LEU B 257 13.30 -10.52 -12.73
CA LEU B 257 12.49 -11.28 -13.66
C LEU B 257 12.14 -10.42 -14.87
N GLY B 258 11.90 -9.13 -14.67
CA GLY B 258 11.69 -8.24 -15.80
C GLY B 258 12.90 -8.16 -16.71
N SER B 259 14.10 -8.10 -16.12
CA SER B 259 15.34 -8.09 -16.89
C SER B 259 15.54 -9.39 -17.64
N VAL B 260 15.22 -10.53 -17.01
CA VAL B 260 15.33 -11.81 -17.70
C VAL B 260 14.38 -11.85 -18.88
N ILE B 261 13.15 -11.40 -18.70
CA ILE B 261 12.21 -11.39 -19.82
C ILE B 261 12.71 -10.50 -20.95
N VAL B 262 13.21 -9.30 -20.64
CA VAL B 262 13.68 -8.42 -21.71
C VAL B 262 14.87 -9.03 -22.44
N VAL B 263 15.83 -9.61 -21.70
CA VAL B 263 17.00 -10.19 -22.36
C VAL B 263 16.58 -11.36 -23.25
N VAL B 264 15.74 -12.26 -22.74
CA VAL B 264 15.32 -13.42 -23.52
C VAL B 264 14.55 -12.96 -24.76
N ASN B 265 13.66 -11.99 -24.61
CA ASN B 265 12.89 -11.52 -25.74
C ASN B 265 13.80 -10.90 -26.80
N ALA B 266 14.78 -10.09 -26.37
CA ALA B 266 15.70 -9.48 -27.33
C ALA B 266 16.52 -10.55 -28.06
N LEU B 267 16.99 -11.56 -27.33
CA LEU B 267 17.75 -12.63 -27.96
C LEU B 267 16.90 -13.39 -28.96
N VAL B 268 15.65 -13.70 -28.59
CA VAL B 268 14.79 -14.47 -29.49
C VAL B 268 14.43 -13.64 -30.72
N PHE B 269 14.22 -12.33 -30.55
CA PHE B 269 14.02 -11.47 -31.71
C PHE B 269 15.24 -11.49 -32.62
N TYR B 270 16.45 -11.34 -32.05
CA TYR B 270 17.64 -11.27 -32.88
C TYR B 270 17.97 -12.60 -33.55
N PHE B 271 17.51 -13.72 -32.98
CA PHE B 271 17.88 -15.02 -33.51
C PHE B 271 16.80 -15.68 -34.37
N SER B 272 15.53 -15.32 -34.15
CA SER B 272 14.44 -16.04 -34.77
C SER B 272 13.39 -15.13 -35.41
N TRP B 273 13.57 -13.82 -35.35
CA TRP B 273 12.66 -12.89 -35.99
C TRP B 273 13.35 -12.25 -37.18
N LYS B 274 12.80 -12.46 -38.37
CA LYS B 274 13.32 -11.91 -39.62
C LYS B 274 12.31 -10.97 -40.27
N GLY B 275 11.70 -10.10 -39.47
CA GLY B 275 10.67 -9.22 -40.01
C GLY B 275 11.24 -8.19 -40.97
N CYS B 276 10.35 -7.63 -41.78
CA CYS B 276 10.73 -6.71 -42.84
C CYS B 276 10.36 -5.27 -42.50
N SER B 277 11.29 -4.35 -42.79
CA SER B 277 11.06 -2.93 -42.60
C SER B 277 11.62 -2.08 -43.73
N GLU B 278 12.35 -2.67 -44.69
CA GLU B 278 12.94 -1.90 -45.77
C GLU B 278 11.89 -1.25 -46.66
N GLY B 279 10.83 -1.98 -47.00
CA GLY B 279 9.76 -1.45 -47.82
C GLY B 279 9.69 -1.99 -49.22
N ASP B 280 10.67 -2.79 -49.65
CA ASP B 280 10.71 -3.35 -50.99
C ASP B 280 10.58 -4.86 -50.87
N PHE B 281 9.54 -5.42 -51.50
CA PHE B 281 9.13 -6.80 -51.26
C PHE B 281 8.91 -7.02 -49.77
N CYS B 282 7.97 -6.26 -49.21
CA CYS B 282 7.76 -6.16 -47.77
C CYS B 282 6.29 -6.31 -47.45
N VAL B 283 5.97 -7.18 -46.49
CA VAL B 283 4.60 -7.40 -46.07
C VAL B 283 4.60 -8.00 -44.67
N ASN B 284 3.68 -7.51 -43.84
CA ASN B 284 3.53 -7.96 -42.46
C ASN B 284 2.15 -8.59 -42.32
N PRO B 285 2.03 -9.90 -42.59
CA PRO B 285 0.72 -10.54 -42.52
C PRO B 285 0.20 -10.63 -41.09
N CYS B 286 1.05 -11.14 -40.19
CA CYS B 286 0.64 -11.31 -38.81
C CYS B 286 0.46 -9.98 -38.09
N PHE B 287 1.52 -9.19 -38.15
CA PHE B 287 1.49 -7.95 -37.44
C PHE B 287 0.44 -7.19 -38.11
N PRO B 288 -0.53 -6.82 -37.32
CA PRO B 288 -1.53 -5.99 -37.92
C PRO B 288 -1.05 -4.61 -37.81
N ASP B 289 -1.87 -3.68 -38.23
CA ASP B 289 -1.49 -2.32 -38.04
C ASP B 289 -0.09 -2.09 -38.58
N PRO B 290 0.17 -2.47 -39.85
CA PRO B 290 1.52 -2.14 -40.30
C PRO B 290 1.52 -0.68 -40.66
N CYS B 291 1.27 0.19 -39.69
CA CYS B 291 1.18 1.63 -39.93
C CYS B 291 0.17 2.01 -41.00
N LYS B 292 0.58 2.85 -41.93
CA LYS B 292 -0.31 3.26 -43.03
C LYS B 292 0.09 2.55 -44.29
N ALA B 293 -0.86 1.88 -44.94
CA ALA B 293 -0.54 1.10 -46.13
C ALA B 293 0.88 0.55 -46.06
N TYR B 306 9.01 -10.58 -49.73
CA TYR B 306 9.37 -11.60 -48.75
C TYR B 306 8.27 -11.76 -47.70
N GLU B 307 8.52 -12.62 -46.71
CA GLU B 307 7.59 -12.83 -45.62
C GLU B 307 8.23 -12.34 -44.33
N ALA B 308 7.41 -11.71 -43.49
CA ALA B 308 7.90 -11.19 -42.21
C ALA B 308 8.26 -12.34 -41.27
N GLY B 309 8.81 -11.97 -40.11
CA GLY B 309 9.21 -12.93 -39.13
C GLY B 309 8.03 -13.66 -38.53
N PRO B 310 8.30 -14.81 -37.91
CA PRO B 310 7.24 -15.59 -37.27
C PRO B 310 6.56 -14.82 -36.15
N CYS B 311 5.26 -14.54 -36.30
CA CYS B 311 4.55 -13.70 -35.34
C CYS B 311 4.34 -14.38 -34.00
N TRP B 312 4.55 -15.69 -33.93
CA TRP B 312 4.31 -16.39 -32.67
C TRP B 312 5.30 -15.92 -31.63
N VAL B 313 6.50 -15.54 -32.09
CA VAL B 313 7.54 -15.12 -31.19
C VAL B 313 7.13 -13.83 -30.52
N LEU B 314 6.45 -12.95 -31.27
CA LEU B 314 6.07 -11.66 -30.70
C LEU B 314 5.09 -11.86 -29.54
N TYR B 315 4.43 -13.02 -29.50
CA TYR B 315 3.50 -13.10 -28.38
C TYR B 315 4.14 -13.85 -27.25
N LEU B 316 5.43 -14.08 -27.45
CA LEU B 316 6.30 -14.66 -26.47
C LEU B 316 6.43 -13.64 -25.35
N ASP B 317 6.52 -12.34 -25.74
CA ASP B 317 6.69 -11.31 -24.71
C ASP B 317 5.51 -11.24 -23.73
N PRO B 318 4.24 -11.18 -24.15
CA PRO B 318 3.16 -11.09 -23.17
C PRO B 318 3.09 -12.26 -22.20
N THR B 319 2.98 -13.48 -22.75
CA THR B 319 2.72 -14.67 -21.94
C THR B 319 3.73 -14.83 -20.80
N LEU B 320 5.03 -14.79 -21.11
CA LEU B 320 6.02 -14.90 -20.05
C LEU B 320 5.80 -13.86 -18.97
N CYS B 321 5.57 -12.60 -19.37
CA CYS B 321 5.29 -11.56 -18.39
C CYS B 321 4.16 -11.99 -17.47
N VAL B 322 3.07 -12.50 -18.04
CA VAL B 322 1.96 -12.98 -17.21
C VAL B 322 2.46 -14.02 -16.23
N VAL B 323 3.16 -15.03 -16.74
CA VAL B 323 3.71 -16.05 -15.85
C VAL B 323 4.55 -15.40 -14.77
N MET B 324 5.40 -14.45 -15.18
CA MET B 324 6.26 -13.76 -14.23
C MET B 324 5.45 -13.20 -13.07
N VAL B 325 4.38 -12.46 -13.36
CA VAL B 325 3.66 -11.80 -12.28
C VAL B 325 3.10 -12.84 -11.34
N CYS B 326 2.63 -13.97 -11.86
CA CYS B 326 2.12 -15.03 -11.00
C CYS B 326 3.16 -15.40 -9.96
N ILE B 327 4.37 -15.70 -10.42
CA ILE B 327 5.47 -16.00 -9.49
C ILE B 327 5.55 -14.92 -8.43
N LEU B 328 5.70 -13.67 -8.85
CA LEU B 328 5.82 -12.58 -7.89
C LEU B 328 4.66 -12.58 -6.93
N LEU B 329 3.43 -12.65 -7.45
CA LEU B 329 2.26 -12.61 -6.59
C LEU B 329 2.34 -13.72 -5.55
N TYR B 330 2.68 -14.93 -5.99
CA TYR B 330 2.86 -16.02 -5.04
C TYR B 330 3.84 -15.62 -3.95
N THR B 331 5.06 -15.25 -4.33
CA THR B 331 6.05 -14.92 -3.32
C THR B 331 5.70 -13.63 -2.58
N THR B 332 4.83 -12.80 -3.13
CA THR B 332 4.42 -11.61 -2.42
C THR B 332 3.35 -11.90 -1.37
N TYR B 333 2.57 -12.96 -1.56
CA TYR B 333 1.40 -13.16 -0.69
C TYR B 333 1.74 -13.37 0.79
N PRO B 334 2.71 -14.23 1.17
CA PRO B 334 3.00 -14.38 2.61
C PRO B 334 3.40 -13.11 3.35
N LEU B 335 4.29 -12.30 2.76
CA LEU B 335 4.74 -11.09 3.43
C LEU B 335 3.60 -10.12 3.72
N LEU B 336 2.84 -9.76 2.69
CA LEU B 336 1.69 -8.90 2.92
C LEU B 336 0.65 -9.53 3.84
N LYS B 337 0.70 -10.85 3.98
CA LYS B 337 -0.18 -11.46 4.98
C LYS B 337 0.46 -11.26 6.32
N GLU B 338 1.76 -11.48 6.37
CA GLU B 338 2.44 -11.45 7.62
C GLU B 338 2.47 -10.00 8.04
N SER B 339 2.66 -9.10 7.06
CA SER B 339 2.78 -7.70 7.43
C SER B 339 1.43 -7.18 7.85
N ALA B 340 0.37 -7.64 7.21
CA ALA B 340 -0.91 -7.04 7.54
C ALA B 340 -1.44 -7.65 8.82
N LEU B 341 -0.77 -8.69 9.30
CA LEU B 341 -1.23 -9.20 10.58
C LEU B 341 -0.40 -8.59 11.68
N ILE B 342 0.80 -8.10 11.34
CA ILE B 342 1.53 -7.35 12.32
C ILE B 342 0.79 -6.04 12.53
N LEU B 343 -0.12 -5.70 11.61
CA LEU B 343 -0.91 -4.49 11.74
C LEU B 343 -2.36 -4.79 12.02
N LEU B 344 -2.66 -5.98 12.55
CA LEU B 344 -4.03 -6.30 12.90
C LEU B 344 -4.22 -6.69 14.36
N GLN B 345 -3.17 -6.61 15.18
CA GLN B 345 -3.22 -6.97 16.59
C GLN B 345 -3.66 -8.42 16.78
N THR B 346 -3.49 -9.25 15.76
CA THR B 346 -3.79 -10.66 15.88
C THR B 346 -2.77 -11.34 16.79
N VAL B 347 -3.23 -12.34 17.53
CA VAL B 347 -2.29 -13.06 18.39
C VAL B 347 -1.27 -13.77 17.50
N PRO B 348 0.02 -13.71 17.81
CA PRO B 348 1.01 -14.40 16.99
C PRO B 348 0.77 -15.90 16.95
N LYS B 349 1.12 -16.50 15.82
CA LYS B 349 0.79 -17.91 15.57
C LYS B 349 1.38 -18.82 16.64
N GLN B 350 2.56 -18.50 17.17
CA GLN B 350 3.17 -19.34 18.19
C GLN B 350 2.36 -19.38 19.48
N ILE B 351 1.51 -18.40 19.73
CA ILE B 351 0.71 -18.32 20.95
C ILE B 351 -0.72 -18.71 20.61
N ASP B 352 -1.33 -19.55 21.45
CA ASP B 352 -2.73 -19.91 21.36
C ASP B 352 -3.43 -19.43 22.62
N ILE B 353 -4.62 -18.87 22.47
CA ILE B 353 -5.25 -18.20 23.60
C ILE B 353 -6.02 -19.19 24.47
N ARG B 354 -6.57 -20.25 23.85
CA ARG B 354 -7.37 -21.19 24.62
C ARG B 354 -6.53 -21.87 25.69
N ASN B 355 -5.33 -22.29 25.32
CA ASN B 355 -4.42 -22.94 26.27
C ASN B 355 -3.99 -21.96 27.36
N LEU B 356 -3.69 -20.71 26.97
CA LEU B 356 -3.30 -19.69 27.92
C LEU B 356 -4.38 -19.43 28.97
N ILE B 357 -5.64 -19.30 28.54
CA ILE B 357 -6.71 -19.02 29.50
C ILE B 357 -6.82 -20.16 30.51
N LYS B 358 -6.83 -21.41 30.04
CA LYS B 358 -7.01 -22.52 30.96
C LYS B 358 -5.80 -22.66 31.88
N GLU B 359 -4.59 -22.40 31.38
CA GLU B 359 -3.40 -22.53 32.20
C GLU B 359 -3.34 -21.43 33.25
N LEU B 360 -3.86 -20.28 32.88
CA LEU B 360 -3.71 -19.21 33.82
C LEU B 360 -4.61 -19.53 34.93
N ARG B 361 -5.79 -19.98 34.61
CA ARG B 361 -6.74 -20.21 35.67
C ARG B 361 -6.27 -21.32 36.55
N ASN B 362 -5.50 -22.22 35.97
CA ASN B 362 -4.97 -23.33 36.73
C ASN B 362 -4.16 -22.77 37.86
N VAL B 363 -3.49 -21.66 37.61
CA VAL B 363 -2.62 -21.11 38.64
C VAL B 363 -3.38 -20.76 39.90
N GLU B 364 -2.75 -20.98 41.04
CA GLU B 364 -3.39 -20.77 42.34
C GLU B 364 -3.86 -19.39 42.72
N GLY B 365 -4.99 -19.30 43.39
CA GLY B 365 -5.45 -18.03 43.88
C GLY B 365 -6.10 -17.18 42.85
N VAL B 366 -6.18 -17.67 41.64
CA VAL B 366 -6.69 -16.84 40.60
C VAL B 366 -8.13 -17.15 40.38
N GLU B 367 -9.01 -16.23 40.64
CA GLU B 367 -10.41 -16.47 40.34
C GLU B 367 -10.74 -16.53 38.85
N GLU B 368 -10.15 -15.65 38.04
CA GLU B 368 -10.51 -15.60 36.62
C GLU B 368 -9.57 -14.85 35.74
N VAL B 369 -9.98 -14.54 34.51
CA VAL B 369 -9.19 -13.70 33.63
C VAL B 369 -10.20 -13.08 32.75
N HIS B 370 -10.01 -11.88 32.29
CA HIS B 370 -11.00 -11.23 31.52
C HIS B 370 -10.23 -10.24 30.78
N GLU B 371 -10.69 -9.88 29.62
CA GLU B 371 -9.94 -8.99 28.79
C GLU B 371 -8.54 -9.44 28.60
N LEU B 372 -8.30 -10.58 27.99
CA LEU B 372 -6.93 -10.93 27.76
C LEU B 372 -6.75 -10.50 26.43
N HIS B 373 -5.82 -9.61 26.19
CA HIS B 373 -5.50 -9.16 24.91
C HIS B 373 -4.09 -9.53 24.73
N VAL B 374 -3.68 -10.19 23.68
CA VAL B 374 -2.32 -10.46 23.46
C VAL B 374 -2.15 -10.00 22.09
N TRP B 375 -1.13 -9.26 21.80
CA TRP B 375 -0.96 -8.69 20.53
C TRP B 375 0.40 -8.56 20.22
N GLN B 376 0.80 -8.57 18.98
CA GLN B 376 2.22 -8.62 18.68
C GLN B 376 2.72 -7.27 18.21
N LEU B 377 3.71 -6.72 18.91
CA LEU B 377 4.30 -5.50 18.42
C LEU B 377 5.17 -5.86 17.22
N ALA B 378 5.73 -4.86 16.57
CA ALA B 378 6.61 -5.14 15.46
C ALA B 378 7.78 -6.01 15.93
N GLY B 379 8.08 -7.05 15.15
CA GLY B 379 9.07 -8.03 15.54
C GLY B 379 8.60 -8.89 16.69
N SER B 380 9.53 -9.36 17.52
CA SER B 380 9.21 -10.26 18.63
C SER B 380 9.11 -9.43 19.90
N ARG B 381 8.06 -8.62 19.98
CA ARG B 381 7.76 -7.80 21.15
C ARG B 381 6.30 -7.99 21.52
N ILE B 382 5.89 -9.25 21.62
CA ILE B 382 4.52 -9.61 21.95
C ILE B 382 4.11 -8.94 23.26
N ILE B 383 2.97 -8.26 23.23
CA ILE B 383 2.46 -7.49 24.37
C ILE B 383 1.13 -8.11 24.78
N ALA B 384 0.99 -8.42 26.07
CA ALA B 384 -0.22 -9.03 26.60
C ALA B 384 -0.63 -8.30 27.88
N THR B 385 -1.90 -7.93 27.95
CA THR B 385 -2.49 -7.29 29.11
C THR B 385 -3.66 -8.14 29.59
N ALA B 386 -3.80 -8.28 30.92
CA ALA B 386 -4.83 -9.14 31.47
C ALA B 386 -5.39 -8.59 32.78
N HIS B 387 -6.57 -9.06 33.18
CA HIS B 387 -7.11 -8.68 34.49
C HIS B 387 -7.25 -9.98 35.30
N ILE B 388 -6.85 -10.03 36.52
CA ILE B 388 -6.86 -11.27 37.27
C ILE B 388 -7.51 -11.06 38.63
N LYS B 389 -8.60 -11.78 38.89
CA LYS B 389 -9.35 -11.61 40.12
C LYS B 389 -8.68 -12.46 41.19
N CYS B 390 -8.52 -11.93 42.39
CA CYS B 390 -7.94 -12.73 43.47
C CYS B 390 -8.76 -12.50 44.74
N GLU B 391 -8.40 -13.22 45.81
CA GLU B 391 -9.08 -13.13 47.10
C GLU B 391 -8.29 -12.33 48.12
N ASP B 392 -7.02 -12.69 48.35
CA ASP B 392 -6.18 -12.02 49.34
C ASP B 392 -5.18 -11.14 48.62
N PRO B 393 -5.26 -9.81 48.78
CA PRO B 393 -4.33 -8.95 48.03
C PRO B 393 -2.86 -9.16 48.33
N THR B 394 -2.52 -9.53 49.57
CA THR B 394 -1.10 -9.74 49.91
C THR B 394 -0.50 -10.88 49.11
N SER B 395 -1.25 -11.99 48.98
CA SER B 395 -0.66 -13.10 48.24
C SER B 395 -0.76 -12.79 46.77
N TYR B 396 -1.43 -11.68 46.45
CA TYR B 396 -1.66 -11.33 45.07
C TYR B 396 -0.29 -11.14 44.45
N MET B 397 0.63 -10.55 45.22
CA MET B 397 1.93 -10.24 44.64
C MET B 397 2.64 -11.53 44.25
N GLU B 398 2.64 -12.52 45.14
CA GLU B 398 3.26 -13.78 44.75
C GLU B 398 2.44 -14.43 43.66
N VAL B 399 1.12 -14.28 43.74
CA VAL B 399 0.25 -14.78 42.69
C VAL B 399 0.61 -14.11 41.38
N ALA B 400 0.85 -12.80 41.43
CA ALA B 400 1.17 -12.07 40.21
C ALA B 400 2.50 -12.52 39.65
N LYS B 401 3.46 -12.85 40.54
CA LYS B 401 4.71 -13.37 40.01
C LYS B 401 4.48 -14.71 39.33
N THR B 402 3.59 -15.53 39.90
CA THR B 402 3.22 -16.77 39.24
C THR B 402 2.55 -16.45 37.91
N ILE B 403 1.71 -15.41 37.91
CA ILE B 403 1.04 -15.01 36.68
C ILE B 403 2.08 -14.58 35.66
N LYS B 404 3.09 -13.83 36.11
CA LYS B 404 4.16 -13.43 35.20
C LYS B 404 4.90 -14.65 34.68
N ASP B 405 5.05 -15.66 35.54
CA ASP B 405 5.69 -16.90 35.11
C ASP B 405 4.89 -17.56 33.99
N VAL B 406 3.56 -17.55 34.08
CA VAL B 406 2.78 -18.12 33.00
C VAL B 406 3.05 -17.33 31.73
N PHE B 407 2.68 -16.08 31.76
CA PHE B 407 2.76 -15.38 30.51
C PHE B 407 4.11 -15.72 30.09
N HIS B 408 4.98 -15.82 31.04
CA HIS B 408 6.30 -15.95 30.52
C HIS B 408 6.52 -17.22 29.82
N ASN B 409 6.04 -18.30 30.37
CA ASN B 409 6.42 -19.49 29.69
C ASN B 409 5.98 -19.27 28.30
N HIS B 410 4.83 -18.67 28.16
CA HIS B 410 4.36 -18.57 26.78
C HIS B 410 5.14 -17.58 25.93
N GLY B 411 6.13 -16.88 26.51
CA GLY B 411 6.95 -15.95 25.78
C GLY B 411 6.53 -14.50 25.94
N ILE B 412 5.38 -14.21 26.52
CA ILE B 412 4.94 -12.83 26.52
C ILE B 412 5.58 -12.18 27.66
N HIS B 413 6.71 -11.54 27.38
CA HIS B 413 7.48 -10.95 28.46
C HIS B 413 7.22 -9.47 28.74
N ALA B 414 6.14 -8.87 28.23
CA ALA B 414 5.70 -7.53 28.56
C ALA B 414 4.31 -7.62 28.99
N THR B 415 3.96 -7.25 30.19
CA THR B 415 2.66 -7.54 30.58
C THR B 415 2.17 -6.55 31.53
N THR B 416 0.87 -6.33 31.60
CA THR B 416 0.35 -5.53 32.63
C THR B 416 -0.86 -6.27 33.09
N ILE B 417 -0.94 -6.74 34.32
CA ILE B 417 -2.08 -7.53 34.71
C ILE B 417 -2.83 -6.95 35.87
N GLN B 418 -3.94 -6.25 35.67
CA GLN B 418 -4.64 -5.56 36.75
C GLN B 418 -5.17 -6.41 37.84
N PRO B 419 -5.00 -6.01 39.07
CA PRO B 419 -5.48 -6.91 40.07
C PRO B 419 -6.97 -7.00 40.17
N GLU B 420 -7.74 -5.95 40.06
CA GLU B 420 -9.22 -6.13 40.21
C GLU B 420 -9.67 -6.91 41.41
N PHE B 421 -9.28 -6.53 42.60
CA PHE B 421 -9.61 -7.30 43.78
C PHE B 421 -11.11 -7.37 44.00
ZN ZN C . 6.70 -2.40 36.31
ZN ZN D . -9.35 4.78 -11.08
ZN ZN E . 5.54 -0.77 27.53
ZN ZN F . -15.48 7.84 32.09
ZN ZN G . -12.21 -5.70 34.53
ZN ZN H . 10.95 -2.42 -10.34
ZN ZN I . -9.78 -5.19 25.81
ZN ZN J . 10.70 -15.05 31.61
#